data_6KFB
#
_entry.id   6KFB
#
_cell.length_a   58.095
_cell.length_b   58.095
_cell.length_c   225.955
_cell.angle_alpha   90.00
_cell.angle_beta   90.00
_cell.angle_gamma   120.00
#
_symmetry.space_group_name_H-M   'P 61 2 2'
#
loop_
_entity.id
_entity.type
_entity.pdbx_description
1 polymer 'Hydroxynitrile lyase'
2 branched alpha-L-fucopyranose-(1-6)-2-acetamido-2-deoxy-beta-D-glucopyranose
3 non-polymer 'THIOCYANATE ION'
4 water water
#
_entity_poly.entity_id   1
_entity_poly.type   'polypeptide(L)'
_entity_poly.pdbx_seq_one_letter_code
;LTCDQLPKAAINPIQEFIDSNPLEFEYVLTETFECTTRIYVQPARWSTTKAPTALDIKGTQIMAYDFVGGPENSAHLNEC
HTGDKQVWYFQYTNLLTDNGSSYCAYRCNGTEIIEYKCASNNNGTDPLQHQAMEVAKTVPNGDKIHYAKSNCPETHGCFA
FY
;
_entity_poly.pdbx_strand_id   A
#
loop_
_chem_comp.id
_chem_comp.type
_chem_comp.name
_chem_comp.formula
FUC L-saccharide, alpha linking alpha-L-fucopyranose 'C6 H12 O5'
NAG D-saccharide, beta linking 2-acetamido-2-deoxy-beta-D-glucopyranose 'C8 H15 N O6'
SCN non-polymer 'THIOCYANATE ION' 'C N S -1'
#
# COMPACT_ATOMS: atom_id res chain seq x y z
N LEU A 1 -7.00 18.36 10.99
CA LEU A 1 -5.98 17.79 10.05
C LEU A 1 -6.66 17.45 8.72
N THR A 2 -6.01 17.79 7.62
CA THR A 2 -6.48 17.42 6.27
C THR A 2 -5.46 16.53 5.59
N CYS A 3 -5.88 15.87 4.51
CA CYS A 3 -5.06 14.82 3.86
C CYS A 3 -3.72 15.38 3.38
N ASP A 4 -3.75 16.58 2.81
CA ASP A 4 -2.53 17.29 2.39
C ASP A 4 -1.52 17.58 3.52
N GLN A 5 -1.95 17.51 4.78
CA GLN A 5 -1.09 17.74 5.93
C GLN A 5 -0.53 16.49 6.58
N LEU A 6 -0.93 15.31 6.09
CA LEU A 6 -0.37 14.06 6.58
C LEU A 6 1.12 14.01 6.27
N PRO A 7 1.90 13.28 7.08
CA PRO A 7 3.34 13.15 6.76
C PRO A 7 3.56 12.53 5.39
N LYS A 8 4.62 12.96 4.72
CA LYS A 8 5.09 12.38 3.48
C LYS A 8 6.48 11.80 3.77
N ALA A 9 6.47 10.57 4.26
CA ALA A 9 7.68 9.92 4.76
C ALA A 9 8.62 9.52 3.63
N ALA A 10 9.90 9.43 3.96
CA ALA A 10 10.93 8.95 3.05
C ALA A 10 10.60 7.54 2.57
N ILE A 11 10.79 7.30 1.29
CA ILE A 11 10.48 6.01 0.69
C ILE A 11 11.75 5.16 0.68
N ASN A 12 11.69 3.98 1.31
CA ASN A 12 12.86 3.08 1.37
C ASN A 12 13.28 2.66 -0.03
N PRO A 13 14.57 2.32 -0.21
CA PRO A 13 14.94 1.74 -1.48
C PRO A 13 14.07 0.55 -1.85
N ILE A 14 13.81 0.41 -3.14
CA ILE A 14 12.90 -0.64 -3.63
C ILE A 14 13.25 -2.04 -3.13
N GLN A 15 14.53 -2.38 -3.02
CA GLN A 15 14.90 -3.70 -2.53
C GLN A 15 14.36 -4.02 -1.14
N GLU A 16 14.22 -3.02 -0.29
CA GLU A 16 13.69 -3.24 1.07
C GLU A 16 12.21 -3.63 1.04
N PHE A 17 11.48 -3.08 0.07
CA PHE A 17 10.09 -3.50 -0.14
C PHE A 17 10.00 -4.92 -0.70
N ILE A 18 10.82 -5.22 -1.70
CA ILE A 18 10.88 -6.56 -2.29
C ILE A 18 11.23 -7.62 -1.23
N ASP A 19 12.20 -7.29 -0.38
CA ASP A 19 12.60 -8.19 0.72
C ASP A 19 11.51 -8.40 1.78
N SER A 20 10.51 -7.52 1.80
CA SER A 20 9.34 -7.64 2.68
C SER A 20 8.21 -8.51 2.14
N ASN A 21 8.27 -8.88 0.86
CA ASN A 21 7.22 -9.71 0.23
C ASN A 21 7.06 -11.03 0.99
N PRO A 22 5.86 -11.60 1.08
CA PRO A 22 4.58 -10.98 0.74
C PRO A 22 4.03 -10.16 1.91
N LEU A 23 3.25 -9.14 1.60
CA LEU A 23 2.55 -8.34 2.61
C LEU A 23 1.05 -8.48 2.43
N GLU A 24 0.29 -8.32 3.51
CA GLU A 24 -1.18 -8.24 3.41
C GLU A 24 -1.65 -6.91 3.96
N PHE A 25 -2.75 -6.40 3.41
CA PHE A 25 -3.33 -5.16 3.94
C PHE A 25 -4.08 -5.42 5.24
N GLU A 26 -3.88 -4.51 6.19
CA GLU A 26 -4.52 -4.55 7.50
C GLU A 26 -5.67 -3.55 7.59
N TYR A 27 -5.44 -2.34 7.09
CA TYR A 27 -6.47 -1.30 7.07
C TYR A 27 -6.55 -0.70 5.68
N VAL A 28 -7.77 -0.52 5.20
CA VAL A 28 -8.02 0.02 3.88
C VAL A 28 -9.23 0.94 3.93
N LEU A 29 -9.43 1.74 2.88
CA LEU A 29 -10.54 2.71 2.86
C LEU A 29 -11.78 2.18 2.13
N THR A 30 -11.67 1.88 0.85
CA THR A 30 -12.80 1.30 0.10
C THR A 30 -12.78 -0.22 0.30
N GLU A 31 -13.70 -0.93 -0.34
CA GLU A 31 -13.68 -2.40 -0.31
C GLU A 31 -12.61 -3.02 -1.23
N THR A 32 -12.09 -2.21 -2.15
CA THR A 32 -11.26 -2.69 -3.25
C THR A 32 -10.07 -3.52 -2.77
N PHE A 33 -9.41 -3.07 -1.72
CA PHE A 33 -8.19 -3.71 -1.23
C PHE A 33 -8.37 -4.51 0.04
N GLU A 34 -9.62 -4.87 0.35
CA GLU A 34 -9.85 -5.89 1.39
C GLU A 34 -9.27 -7.22 0.92
N CYS A 35 -8.82 -8.02 1.89
CA CYS A 35 -8.38 -9.41 1.62
C CYS A 35 -7.39 -9.47 0.45
N THR A 36 -6.39 -8.58 0.51
CA THR A 36 -5.45 -8.38 -0.59
C THR A 36 -4.02 -8.52 -0.11
N THR A 37 -3.22 -9.14 -0.97
CA THR A 37 -1.79 -9.33 -0.79
C THR A 37 -1.05 -8.40 -1.73
N ARG A 38 0.00 -7.74 -1.19
CA ARG A 38 0.85 -6.83 -1.94
C ARG A 38 2.20 -7.50 -2.17
N ILE A 39 2.63 -7.49 -3.44
CA ILE A 39 3.91 -8.02 -3.88
C ILE A 39 4.63 -6.93 -4.67
N TYR A 40 5.89 -6.66 -4.31
CA TYR A 40 6.75 -5.74 -5.07
C TYR A 40 7.66 -6.51 -6.03
N VAL A 41 7.84 -5.96 -7.21
CA VAL A 41 8.65 -6.60 -8.25
C VAL A 41 9.64 -5.59 -8.83
N GLN A 42 10.89 -6.02 -8.98
N GLN A 42 10.89 -5.99 -8.98
CA GLN A 42 11.93 -5.23 -9.63
CA GLN A 42 11.89 -5.13 -9.61
C GLN A 42 11.58 -4.99 -11.11
C GLN A 42 11.52 -4.93 -11.09
N PRO A 43 12.12 -3.93 -11.74
CA PRO A 43 11.81 -3.73 -13.17
C PRO A 43 12.25 -4.88 -14.06
N ALA A 44 11.47 -5.13 -15.10
CA ALA A 44 11.85 -6.09 -16.10
C ALA A 44 13.16 -5.68 -16.76
N ARG A 45 13.96 -6.68 -17.13
CA ARG A 45 15.20 -6.39 -17.89
C ARG A 45 14.94 -5.63 -19.19
N TRP A 46 13.78 -5.86 -19.79
CA TRP A 46 13.35 -5.24 -21.06
C TRP A 46 12.52 -3.97 -20.87
N SER A 47 12.29 -3.54 -19.63
CA SER A 47 11.54 -2.32 -19.38
C SER A 47 12.37 -1.11 -19.76
N THR A 48 11.80 -0.21 -20.56
CA THR A 48 12.51 0.99 -20.96
C THR A 48 12.42 2.10 -19.91
N THR A 49 11.38 2.07 -19.07
CA THR A 49 11.28 3.00 -17.94
C THR A 49 12.15 2.55 -16.76
N LYS A 50 12.40 1.25 -16.66
CA LYS A 50 13.01 0.63 -15.47
C LYS A 50 12.26 0.97 -14.18
N ALA A 51 10.94 1.07 -14.29
CA ALA A 51 10.07 1.27 -13.13
C ALA A 51 9.79 -0.10 -12.47
N PRO A 52 9.86 -0.18 -11.14
CA PRO A 52 9.37 -1.37 -10.45
C PRO A 52 7.86 -1.44 -10.52
N THR A 53 7.30 -2.55 -10.05
CA THR A 53 5.87 -2.79 -10.10
C THR A 53 5.36 -3.23 -8.75
N ALA A 54 4.19 -2.70 -8.39
CA ALA A 54 3.43 -3.15 -7.23
C ALA A 54 2.26 -3.98 -7.73
N LEU A 55 2.04 -5.12 -7.08
CA LEU A 55 0.91 -6.01 -7.40
C LEU A 55 -0.03 -6.07 -6.21
N ASP A 56 -1.32 -5.86 -6.49
CA ASP A 56 -2.37 -6.00 -5.49
C ASP A 56 -3.22 -7.19 -5.92
N ILE A 57 -3.12 -8.28 -5.15
CA ILE A 57 -3.68 -9.58 -5.52
C ILE A 57 -4.82 -9.91 -4.55
N LYS A 58 -6.01 -10.10 -5.11
CA LYS A 58 -7.22 -10.40 -4.34
C LYS A 58 -7.80 -11.67 -4.91
N GLY A 59 -7.48 -12.80 -4.28
CA GLY A 59 -7.87 -14.10 -4.82
C GLY A 59 -7.19 -14.38 -6.16
N THR A 60 -8.01 -14.57 -7.20
CA THR A 60 -7.53 -14.85 -8.55
C THR A 60 -7.48 -13.58 -9.41
N GLN A 61 -7.73 -12.41 -8.81
CA GLN A 61 -7.68 -11.14 -9.54
C GLN A 61 -6.45 -10.35 -9.12
N ILE A 62 -5.88 -9.61 -10.07
CA ILE A 62 -4.66 -8.83 -9.80
C ILE A 62 -4.72 -7.48 -10.47
N MET A 63 -4.37 -6.44 -9.71
N MET A 63 -4.34 -6.44 -9.73
CA MET A 63 -4.07 -5.13 -10.25
CA MET A 63 -4.06 -5.11 -10.28
C MET A 63 -2.56 -4.97 -10.16
C MET A 63 -2.60 -4.83 -10.12
N ALA A 64 -1.95 -4.44 -11.21
CA ALA A 64 -0.50 -4.18 -11.26
C ALA A 64 -0.30 -2.73 -11.58
N TYR A 65 0.72 -2.12 -10.99
CA TYR A 65 1.05 -0.73 -11.30
C TYR A 65 2.56 -0.58 -11.35
N ASP A 66 3.08 -0.15 -12.49
CA ASP A 66 4.47 0.31 -12.52
C ASP A 66 4.49 1.62 -11.76
N PHE A 67 5.58 1.91 -11.07
CA PHE A 67 5.65 3.18 -10.34
C PHE A 67 7.04 3.78 -10.34
N VAL A 68 7.06 5.10 -10.31
CA VAL A 68 8.30 5.89 -10.25
C VAL A 68 8.15 6.92 -9.14
N GLY A 69 9.27 7.46 -8.68
CA GLY A 69 9.25 8.52 -7.67
C GLY A 69 8.89 9.86 -8.27
N GLY A 70 8.21 10.67 -7.47
CA GLY A 70 7.91 12.04 -7.85
C GLY A 70 8.33 12.99 -6.74
N PRO A 71 7.92 14.25 -6.88
CA PRO A 71 8.25 15.25 -5.88
C PRO A 71 7.69 14.96 -4.48
N GLU A 72 8.42 15.41 -3.46
CA GLU A 72 7.98 15.36 -2.09
CA GLU A 72 7.97 15.37 -2.07
C GLU A 72 7.60 13.95 -1.62
N ASN A 73 8.47 13.00 -1.93
CA ASN A 73 8.33 11.60 -1.49
C ASN A 73 7.05 10.95 -2.00
N SER A 74 6.63 11.34 -3.21
CA SER A 74 5.48 10.72 -3.85
C SER A 74 5.88 9.50 -4.66
N ALA A 75 4.90 8.60 -4.81
CA ALA A 75 4.98 7.48 -5.74
C ALA A 75 3.93 7.73 -6.80
N HIS A 76 4.36 7.68 -8.07
CA HIS A 76 3.48 7.89 -9.21
C HIS A 76 3.25 6.56 -9.88
N LEU A 77 2.03 6.06 -9.72
CA LEU A 77 1.64 4.72 -10.18
C LEU A 77 0.92 4.79 -11.51
N ASN A 78 1.19 3.81 -12.38
CA ASN A 78 0.51 3.65 -13.67
C ASN A 78 -0.12 2.27 -13.66
N GLU A 79 -1.45 2.22 -13.52
CA GLU A 79 -2.16 0.92 -13.49
C GLU A 79 -2.00 0.24 -14.85
N CYS A 80 -1.52 -0.99 -14.86
CA CYS A 80 -1.00 -1.61 -16.07
C CYS A 80 -2.07 -2.02 -17.08
N HIS A 81 -3.30 -2.22 -16.62
CA HIS A 81 -4.40 -2.64 -17.50
C HIS A 81 -5.17 -1.46 -18.07
N THR A 82 -5.29 -0.39 -17.31
CA THR A 82 -6.11 0.77 -17.70
C THR A 82 -5.30 2.02 -18.07
N GLY A 83 -4.03 2.09 -17.67
CA GLY A 83 -3.23 3.31 -17.78
C GLY A 83 -3.57 4.43 -16.81
N ASP A 84 -4.43 4.16 -15.82
N ASP A 84 -4.42 4.13 -15.82
CA ASP A 84 -4.85 5.21 -14.90
CA ASP A 84 -4.85 5.08 -14.77
C ASP A 84 -3.70 5.56 -13.95
C ASP A 84 -3.62 5.56 -13.99
N LYS A 85 -3.53 6.86 -13.72
CA LYS A 85 -2.43 7.42 -12.94
C LYS A 85 -2.91 7.72 -11.53
N GLN A 86 -2.07 7.39 -10.55
CA GLN A 86 -2.37 7.63 -9.13
C GLN A 86 -1.13 8.17 -8.44
N VAL A 87 -1.32 9.09 -7.50
CA VAL A 87 -0.24 9.66 -6.68
C VAL A 87 -0.44 9.25 -5.23
N TRP A 88 0.57 8.56 -4.69
CA TRP A 88 0.54 8.02 -3.34
C TRP A 88 1.67 8.61 -2.50
N TYR A 89 1.45 8.67 -1.19
CA TYR A 89 2.48 9.00 -0.20
C TYR A 89 2.45 7.98 0.91
N PHE A 90 3.52 7.95 1.70
CA PHE A 90 3.62 7.09 2.88
C PHE A 90 3.52 7.93 4.14
N GLN A 91 2.60 7.55 5.02
CA GLN A 91 2.54 8.13 6.36
C GLN A 91 3.80 7.81 7.16
N TYR A 92 4.22 6.55 7.06
CA TYR A 92 5.45 6.08 7.68
C TYR A 92 5.82 4.77 6.98
N THR A 93 7.06 4.36 7.12
CA THR A 93 7.46 2.97 6.83
C THR A 93 8.29 2.46 8.00
N ASN A 94 8.24 1.15 8.20
CA ASN A 94 9.06 0.49 9.21
C ASN A 94 9.37 -0.91 8.70
N LEU A 95 10.30 -0.99 7.76
CA LEU A 95 10.63 -2.24 7.06
C LEU A 95 11.80 -2.99 7.68
N LEU A 96 11.73 -4.31 7.60
CA LEU A 96 12.86 -5.21 7.91
C LEU A 96 13.36 -5.10 9.35
N THR A 97 12.41 -5.02 10.28
CA THR A 97 12.70 -5.05 11.71
C THR A 97 12.74 -6.50 12.18
N ASP A 98 13.09 -6.71 13.45
CA ASP A 98 13.02 -8.04 14.07
C ASP A 98 11.60 -8.60 14.16
N ASN A 99 10.59 -7.73 14.06
CA ASN A 99 9.20 -8.15 13.98
C ASN A 99 8.62 -7.97 12.57
N GLY A 100 9.47 -7.97 11.55
CA GLY A 100 8.99 -7.82 10.16
C GLY A 100 8.80 -6.39 9.72
N SER A 101 7.92 -6.21 8.73
CA SER A 101 7.75 -4.94 8.03
C SER A 101 6.31 -4.46 8.11
N SER A 102 6.16 -3.14 8.18
CA SER A 102 4.87 -2.49 8.03
C SER A 102 5.04 -1.10 7.43
N TYR A 103 3.95 -0.59 6.85
CA TYR A 103 3.87 0.79 6.39
C TYR A 103 2.41 1.16 6.26
N CYS A 104 2.14 2.47 6.19
CA CYS A 104 0.81 2.94 5.80
C CYS A 104 0.98 3.96 4.70
N ALA A 105 0.21 3.81 3.63
CA ALA A 105 0.28 4.68 2.48
C ALA A 105 -1.12 5.20 2.20
N TYR A 106 -1.21 6.35 1.55
CA TYR A 106 -2.49 7.01 1.31
C TYR A 106 -2.51 7.77 0.00
N ARG A 107 -3.73 8.01 -0.47
CA ARG A 107 -3.99 8.73 -1.71
C ARG A 107 -5.00 9.82 -1.38
N CYS A 108 -4.64 11.08 -1.64
CA CYS A 108 -5.52 12.22 -1.38
C CYS A 108 -6.21 12.68 -2.65
N ASN A 109 -7.34 13.38 -2.48
CA ASN A 109 -7.85 14.31 -3.47
C ASN A 109 -7.96 15.64 -2.74
N GLY A 110 -6.91 16.44 -2.81
CA GLY A 110 -6.84 17.68 -2.04
C GLY A 110 -6.87 17.41 -0.54
N THR A 111 -7.85 17.98 0.14
CA THR A 111 -7.96 17.85 1.59
C THR A 111 -8.56 16.53 2.07
N GLU A 112 -9.20 15.77 1.19
CA GLU A 112 -9.82 14.49 1.58
C GLU A 112 -8.94 13.31 1.19
N ILE A 113 -9.09 12.23 1.94
CA ILE A 113 -8.44 10.95 1.65
C ILE A 113 -9.37 10.10 0.80
N ILE A 114 -8.87 9.52 -0.29
CA ILE A 114 -9.70 8.68 -1.18
C ILE A 114 -9.30 7.21 -1.20
N GLU A 115 -8.08 6.87 -0.80
CA GLU A 115 -7.74 5.46 -0.57
C GLU A 115 -6.66 5.40 0.50
N TYR A 116 -6.60 4.26 1.17
CA TYR A 116 -5.67 4.03 2.27
C TYR A 116 -5.24 2.58 2.22
N LYS A 117 -3.95 2.35 2.39
CA LYS A 117 -3.39 1.01 2.38
C LYS A 117 -2.33 0.88 3.47
N CYS A 118 -2.69 0.23 4.57
CA CYS A 118 -1.72 -0.13 5.61
C CYS A 118 -1.38 -1.58 5.39
N ALA A 119 -0.11 -1.89 5.18
CA ALA A 119 0.35 -3.25 4.86
C ALA A 119 1.31 -3.74 5.93
N SER A 120 1.37 -5.05 6.12
CA SER A 120 2.39 -5.63 6.99
C SER A 120 2.63 -7.06 6.61
N ASN A 121 3.70 -7.63 7.17
CA ASN A 121 3.89 -9.09 7.14
C ASN A 121 3.97 -9.68 8.55
N ASN A 122 3.36 -8.97 9.51
CA ASN A 122 3.35 -9.36 10.92
C ASN A 122 1.96 -9.28 11.53
N ASN A 123 0.93 -9.39 10.69
CA ASN A 123 -0.46 -9.35 11.10
C ASN A 123 -0.83 -8.10 11.90
N GLY A 124 -0.29 -6.96 11.51
CA GLY A 124 -0.66 -5.69 12.11
C GLY A 124 -0.16 -5.44 13.52
N THR A 125 0.90 -6.14 13.93
CA THR A 125 1.41 -6.03 15.31
C THR A 125 2.45 -4.92 15.53
N ASP A 126 2.82 -4.17 14.50
CA ASP A 126 3.68 -3.00 14.69
C ASP A 126 2.84 -1.88 15.34
N PRO A 127 3.19 -1.43 16.56
CA PRO A 127 2.40 -0.34 17.18
C PRO A 127 2.25 0.93 16.34
N LEU A 128 3.22 1.21 15.48
CA LEU A 128 3.13 2.35 14.57
C LEU A 128 1.94 2.26 13.63
N GLN A 129 1.50 1.04 13.31
CA GLN A 129 0.45 0.86 12.31
C GLN A 129 -0.92 1.29 12.83
N HIS A 130 -1.32 0.78 13.99
CA HIS A 130 -2.61 1.21 14.59
C HIS A 130 -2.56 2.72 14.86
N GLN A 131 -1.41 3.22 15.33
CA GLN A 131 -1.24 4.65 15.58
C GLN A 131 -1.47 5.48 14.32
N ALA A 132 -0.86 5.08 13.21
CA ALA A 132 -1.02 5.78 11.94
C ALA A 132 -2.46 5.74 11.46
N MET A 133 -3.10 4.60 11.59
CA MET A 133 -4.50 4.45 11.19
C MET A 133 -5.38 5.42 11.97
N GLU A 134 -5.09 5.60 13.26
CA GLU A 134 -5.90 6.50 14.09
C GLU A 134 -5.71 7.97 13.67
N VAL A 135 -4.52 8.33 13.20
CA VAL A 135 -4.31 9.67 12.65
C VAL A 135 -5.04 9.85 11.32
N ALA A 136 -4.90 8.89 10.41
CA ALA A 136 -5.52 8.99 9.08
C ALA A 136 -7.05 9.10 9.16
N LYS A 137 -7.66 8.43 10.14
CA LYS A 137 -9.11 8.49 10.26
CA LYS A 137 -9.11 8.49 10.32
C LYS A 137 -9.60 9.91 10.60
N THR A 138 -8.71 10.77 11.09
CA THR A 138 -9.10 12.14 11.45
C THR A 138 -9.14 13.14 10.29
N VAL A 139 -8.65 12.77 9.12
CA VAL A 139 -8.74 13.66 7.96
C VAL A 139 -10.09 13.47 7.27
N PRO A 140 -10.53 14.44 6.46
CA PRO A 140 -11.85 14.31 5.81
C PRO A 140 -11.95 13.04 4.94
N ASN A 141 -13.04 12.31 5.15
CA ASN A 141 -13.32 10.98 4.57
C ASN A 141 -12.55 9.82 5.21
N GLY A 142 -11.72 10.12 6.22
CA GLY A 142 -10.97 9.07 6.92
C GLY A 142 -11.83 8.14 7.73
N ASP A 143 -13.06 8.56 8.01
CA ASP A 143 -14.06 7.71 8.65
C ASP A 143 -14.32 6.39 7.94
N LYS A 144 -13.98 6.30 6.65
CA LYS A 144 -14.19 5.07 5.89
C LYS A 144 -13.15 4.00 6.19
N ILE A 145 -12.01 4.39 6.77
CA ILE A 145 -10.93 3.44 7.01
C ILE A 145 -11.39 2.33 7.97
N HIS A 146 -11.10 1.10 7.60
CA HIS A 146 -11.58 -0.05 8.34
C HIS A 146 -10.67 -1.26 8.14
N TYR A 147 -10.92 -2.29 8.94
CA TYR A 147 -10.12 -3.51 8.94
C TYR A 147 -10.31 -4.27 7.64
N ALA A 148 -9.20 -4.71 7.06
CA ALA A 148 -9.20 -5.30 5.72
C ALA A 148 -9.46 -6.80 5.67
N LYS A 149 -9.45 -7.47 6.82
CA LYS A 149 -9.48 -8.94 6.86
C LYS A 149 -10.61 -9.53 7.70
N SER A 150 -11.76 -8.87 7.74
CA SER A 150 -12.86 -9.34 8.59
C SER A 150 -13.60 -10.56 8.01
N ASN A 151 -13.55 -10.75 6.69
CA ASN A 151 -14.38 -11.78 6.06
C ASN A 151 -13.74 -12.33 4.79
N CYS A 152 -12.52 -12.85 4.92
CA CYS A 152 -11.80 -13.32 3.74
C CYS A 152 -12.17 -14.77 3.42
N PRO A 153 -12.09 -15.15 2.13
CA PRO A 153 -12.36 -16.54 1.76
C PRO A 153 -11.43 -17.54 2.43
N GLU A 154 -11.91 -18.77 2.58
CA GLU A 154 -11.11 -19.82 3.15
C GLU A 154 -9.97 -20.15 2.19
N THR A 155 -8.85 -20.56 2.77
CA THR A 155 -7.67 -20.96 2.03
C THR A 155 -7.79 -22.40 1.54
N HIS A 156 -6.94 -22.74 0.59
CA HIS A 156 -6.81 -24.11 0.06
C HIS A 156 -5.33 -24.51 0.05
N GLY A 157 -4.68 -24.34 1.21
CA GLY A 157 -3.32 -24.83 1.40
C GLY A 157 -2.20 -23.81 1.35
N CYS A 158 -2.50 -22.60 0.88
CA CYS A 158 -1.51 -21.51 0.88
C CYS A 158 -1.78 -20.54 2.02
N PHE A 159 -0.94 -19.51 2.12
CA PHE A 159 -0.98 -18.57 3.26
C PHE A 159 -1.15 -17.10 2.91
N ALA A 160 -0.69 -16.70 1.73
CA ALA A 160 -0.85 -15.32 1.27
C ALA A 160 -1.73 -15.24 0.02
N PHE A 161 -2.32 -16.37 -0.39
CA PHE A 161 -3.12 -16.46 -1.60
C PHE A 161 -4.29 -17.40 -1.35
N TYR A 162 -5.39 -17.19 -2.07
CA TYR A 162 -6.60 -17.98 -1.90
C TYR A 162 -7.43 -18.05 -3.17
C1 NAG B . -4.18 -11.76 13.19
C2 NAG B . -4.23 -13.17 13.77
C3 NAG B . -5.66 -13.63 13.91
C4 NAG B . -6.45 -12.63 14.75
C5 NAG B . -6.20 -11.18 14.32
C6 NAG B . -6.71 -10.26 15.40
C7 NAG B . -2.44 -14.83 13.28
C8 NAG B . -1.99 -14.87 14.72
N2 NAG B . -3.46 -14.05 12.91
O3 NAG B . -5.70 -14.92 14.55
O4 NAG B . -7.84 -12.94 14.63
O5 NAG B . -4.82 -10.87 14.10
O6 NAG B . -6.50 -8.91 14.97
O7 NAG B . -1.87 -15.52 12.44
C1 FUC B . -7.19 -8.00 15.83
C2 FUC B . -6.73 -6.58 15.49
C3 FUC B . -7.21 -6.20 14.10
C4 FUC B . -8.73 -6.37 14.00
C5 FUC B . -9.14 -7.79 14.40
C6 FUC B . -10.65 -7.98 14.39
O2 FUC B . -5.30 -6.51 15.56
O3 FUC B . -6.83 -4.86 13.77
O4 FUC B . -9.36 -5.40 14.85
O5 FUC B . -8.62 -8.08 15.71
S SCN C . 0.40 0.26 -0.81
S SCN C . -0.69 1.74 -3.85
C SCN C . 1.00 1.62 -1.62
C SCN C . 0.30 1.98 -2.51
N SCN C . 1.42 2.55 -2.18
N SCN C . 0.98 2.13 -1.59
#